data_2X0W
#
_entry.id   2X0W
#
_cell.length_a   65.250
_cell.length_b   70.580
_cell.length_c   105.440
_cell.angle_alpha   90.00
_cell.angle_beta   90.00
_cell.angle_gamma   90.00
#
_symmetry.space_group_name_H-M   'P 21 21 21'
#
loop_
_entity.id
_entity.type
_entity.pdbx_description
1 polymer 'CELLULAR TUMOR ANTIGEN P53'
2 non-polymer 'ZINC ION'
3 non-polymer 5,6-DIMETHOXY-2-METHYL-1,3-BENZOTHIAZOLE
4 water water
#
_entity_poly.entity_id   1
_entity_poly.type   'polypeptide(L)'
_entity_poly.pdbx_seq_one_letter_code
;SSSVPSQKTYQGSYGFRLGFLHSGTAKSVTCTYSPALNKLFCQLAKTCPVQLWVDSTPPPGTRVRAMAIYKQSQHMTEVV
RRCPHHERCSDSDGLAPPQHLIRVEGNLRAEYLDDRNTFRHSVVVPCEPPEVGSDCTTIHYNYMCYSSCMGGMNRRPILT
IITLEDSSGNLLGRDSFEVRVCACPGRDRRTEEENLRKKGEPHHELPPGSTKRALPNNT
;
_entity_poly.pdbx_strand_id   A,B
#
loop_
_chem_comp.id
_chem_comp.type
_chem_comp.name
_chem_comp.formula
X0W non-polymer 5,6-DIMETHOXY-2-METHYL-1,3-BENZOTHIAZOLE 'C10 H11 N O2 S'
ZN non-polymer 'ZINC ION' 'Zn 2'
#
# COMPACT_ATOMS: atom_id res chain seq x y z
N SER A 3 -1.05 14.92 -1.72
CA SER A 3 -0.55 13.80 -2.50
C SER A 3 0.19 12.79 -1.64
N VAL A 4 0.35 11.58 -2.18
CA VAL A 4 0.98 10.48 -1.47
C VAL A 4 1.81 9.64 -2.44
N PRO A 5 3.13 9.58 -2.22
CA PRO A 5 4.00 8.77 -3.08
C PRO A 5 3.59 7.31 -3.06
N SER A 6 3.63 6.65 -4.21
CA SER A 6 3.33 5.22 -4.27
C SER A 6 4.39 4.41 -3.52
N GLN A 7 3.95 3.35 -2.86
CA GLN A 7 4.87 2.43 -2.20
C GLN A 7 4.84 1.05 -2.86
N LYS A 8 4.17 0.96 -3.99
CA LYS A 8 4.01 -0.31 -4.71
C LYS A 8 5.34 -0.87 -5.22
N THR A 9 5.67 -2.10 -4.79
CA THR A 9 6.89 -2.77 -5.25
C THR A 9 6.85 -2.96 -6.76
N TYR A 10 7.96 -2.65 -7.43
CA TYR A 10 8.03 -2.67 -8.88
C TYR A 10 9.46 -2.97 -9.33
N GLN A 11 9.71 -4.19 -9.79
CA GLN A 11 11.06 -4.56 -10.19
C GLN A 11 11.45 -3.90 -11.52
N GLY A 12 10.49 -3.72 -12.41
CA GLY A 12 10.74 -3.03 -13.68
C GLY A 12 11.65 -3.82 -14.60
N SER A 13 12.11 -3.17 -15.66
CA SER A 13 12.85 -3.85 -16.72
C SER A 13 14.23 -4.33 -16.28
N TYR A 14 14.79 -3.67 -15.27
CA TYR A 14 16.11 -4.07 -14.77
C TYR A 14 16.09 -5.03 -13.58
N GLY A 15 14.90 -5.45 -13.15
CA GLY A 15 14.79 -6.38 -12.04
C GLY A 15 15.37 -5.76 -10.76
N PHE A 16 14.99 -4.53 -10.48
CA PHE A 16 15.48 -3.81 -9.32
C PHE A 16 14.85 -4.30 -8.01
N ARG A 17 15.68 -4.58 -7.02
CA ARG A 17 15.18 -4.87 -5.69
C ARG A 17 16.29 -4.61 -4.69
N LEU A 18 15.90 -4.50 -3.42
CA LEU A 18 16.82 -4.14 -2.36
C LEU A 18 17.38 -5.40 -1.74
N GLY A 19 18.48 -5.25 -0.99
CA GLY A 19 19.03 -6.35 -0.22
C GLY A 19 19.48 -5.82 1.13
N PHE A 20 19.37 -6.64 2.17
CA PHE A 20 19.88 -6.27 3.47
C PHE A 20 20.86 -7.29 4.04
N LEU A 21 21.82 -6.80 4.82
CA LEU A 21 22.78 -7.67 5.50
C LEU A 21 22.09 -8.49 6.59
N HIS A 22 22.82 -9.44 7.16
CA HIS A 22 22.29 -10.25 8.24
C HIS A 22 23.09 -10.00 9.51
N SER A 23 22.68 -9.00 10.27
CA SER A 23 23.49 -8.47 11.39
C SER A 23 23.14 -9.06 12.75
N GLY A 24 22.08 -9.84 12.82
CA GLY A 24 21.65 -10.44 14.08
C GLY A 24 20.96 -9.48 15.01
N THR A 25 20.65 -9.94 16.21
CA THR A 25 19.88 -9.14 17.17
C THR A 25 20.55 -9.00 18.53
N ALA A 26 21.87 -9.12 18.56
CA ALA A 26 22.60 -8.84 19.80
C ALA A 26 22.21 -7.45 20.26
N LYS A 27 22.24 -7.21 21.57
CA LYS A 27 21.75 -5.93 22.09
C LYS A 27 22.71 -4.79 21.74
N SER A 28 23.89 -5.14 21.25
CA SER A 28 24.86 -4.14 20.80
C SER A 28 24.73 -3.73 19.33
N VAL A 29 23.99 -4.51 18.54
CA VAL A 29 23.87 -4.25 17.11
C VAL A 29 23.32 -2.83 16.87
N THR A 30 23.80 -2.16 15.82
CA THR A 30 23.44 -0.77 15.56
C THR A 30 22.46 -0.65 14.41
N CYS A 31 22.35 -1.71 13.62
CA CYS A 31 21.44 -1.72 12.48
C CYS A 31 21.11 -3.17 12.15
N THR A 32 19.82 -3.49 12.08
CA THR A 32 19.42 -4.86 11.80
C THR A 32 18.11 -4.88 11.03
N TYR A 33 18.02 -5.81 10.08
CA TYR A 33 16.87 -5.90 9.21
C TYR A 33 16.06 -7.16 9.46
N SER A 34 14.75 -6.97 9.61
CA SER A 34 13.83 -8.09 9.77
C SER A 34 13.07 -8.40 8.47
N PRO A 35 13.40 -9.54 7.84
CA PRO A 35 12.65 -9.97 6.67
C PRO A 35 11.19 -10.31 7.00
N ALA A 36 10.91 -10.89 8.17
CA ALA A 36 9.54 -11.25 8.50
C ALA A 36 8.64 -10.01 8.61
N LEU A 37 9.20 -8.93 9.13
CA LEU A 37 8.47 -7.66 9.28
C LEU A 37 8.73 -6.69 8.13
N ASN A 38 9.66 -7.04 7.23
CA ASN A 38 10.16 -6.08 6.24
C ASN A 38 10.47 -4.75 6.89
N LYS A 39 11.29 -4.78 7.93
CA LYS A 39 11.50 -3.61 8.75
C LYS A 39 12.95 -3.50 9.16
N LEU A 40 13.49 -2.30 8.98
CA LEU A 40 14.85 -2.01 9.38
C LEU A 40 14.82 -1.36 10.76
N PHE A 41 15.63 -1.89 11.68
CA PHE A 41 15.77 -1.27 12.99
C PHE A 41 17.18 -0.67 13.09
N CYS A 42 17.28 0.61 13.44
CA CYS A 42 18.62 1.21 13.47
C CYS A 42 18.75 2.25 14.56
N GLN A 43 19.98 2.47 15.00
CA GLN A 43 20.26 3.53 15.96
C GLN A 43 20.36 4.86 15.24
N LEU A 44 20.17 5.94 16.00
CA LEU A 44 20.22 7.29 15.49
C LEU A 44 21.56 7.60 14.80
N ALA A 45 21.49 8.01 13.53
CA ALA A 45 22.67 8.45 12.76
C ALA A 45 23.71 7.35 12.53
N LYS A 46 23.33 6.08 12.60
CA LYS A 46 24.30 5.03 12.35
C LYS A 46 24.19 4.55 10.91
N THR A 47 25.27 3.97 10.41
CA THR A 47 25.34 3.49 9.04
C THR A 47 24.31 2.39 8.81
N CYS A 48 23.45 2.57 7.81
CA CYS A 48 22.51 1.53 7.41
C CYS A 48 22.83 1.07 5.98
N PRO A 49 23.51 -0.07 5.87
CA PRO A 49 23.89 -0.63 4.58
C PRO A 49 22.66 -1.15 3.84
N VAL A 50 22.37 -0.60 2.68
CA VAL A 50 21.26 -1.07 1.85
C VAL A 50 21.80 -1.46 0.48
N GLN A 51 21.63 -2.73 0.11
CA GLN A 51 22.12 -3.21 -1.17
C GLN A 51 21.15 -2.92 -2.28
N LEU A 52 21.67 -2.61 -3.46
CA LEU A 52 20.86 -2.49 -4.66
C LEU A 52 21.17 -3.66 -5.60
N TRP A 53 20.16 -4.44 -5.94
CA TRP A 53 20.31 -5.61 -6.80
C TRP A 53 19.58 -5.39 -8.10
N VAL A 54 20.26 -5.67 -9.21
CA VAL A 54 19.62 -5.63 -10.53
C VAL A 54 19.96 -6.90 -11.32
N ASP A 55 19.02 -7.33 -12.16
CA ASP A 55 19.25 -8.43 -13.10
C ASP A 55 20.06 -7.98 -14.31
N SER A 56 19.91 -6.72 -14.70
CA SER A 56 20.69 -6.16 -15.80
C SER A 56 21.05 -4.70 -15.52
N THR A 57 22.08 -4.21 -16.19
CA THR A 57 22.59 -2.88 -15.95
C THR A 57 21.69 -1.81 -16.55
N PRO A 58 21.23 -0.86 -15.73
CA PRO A 58 20.45 0.29 -16.20
C PRO A 58 21.36 1.29 -16.91
N PRO A 59 20.79 2.14 -17.77
CA PRO A 59 21.55 3.11 -18.55
C PRO A 59 22.35 4.10 -17.70
N PRO A 60 23.48 4.59 -18.24
CA PRO A 60 24.19 5.68 -17.58
C PRO A 60 23.23 6.84 -17.29
N GLY A 61 23.34 7.46 -16.13
CA GLY A 61 22.43 8.52 -15.75
C GLY A 61 21.30 8.03 -14.85
N THR A 62 21.22 6.72 -14.67
CA THR A 62 20.24 6.13 -13.76
C THR A 62 20.58 6.55 -12.31
N ARG A 63 19.56 6.85 -11.52
CA ARG A 63 19.76 7.34 -10.15
C ARG A 63 18.90 6.56 -9.16
N VAL A 64 19.24 6.67 -7.88
CA VAL A 64 18.51 5.98 -6.81
C VAL A 64 18.07 6.99 -5.76
N ARG A 65 16.77 7.06 -5.51
CA ARG A 65 16.21 8.05 -4.59
C ARG A 65 15.60 7.39 -3.35
N ALA A 66 15.81 8.02 -2.20
CA ALA A 66 15.23 7.52 -0.94
C ALA A 66 14.29 8.58 -0.36
N MET A 67 13.09 8.15 0.04
CA MET A 67 12.11 9.08 0.60
C MET A 67 11.33 8.36 1.71
N ALA A 68 11.04 9.06 2.79
CA ALA A 68 10.27 8.49 3.88
C ALA A 68 8.84 9.03 3.86
N ILE A 69 7.87 8.14 4.10
CA ILE A 69 6.49 8.54 4.32
C ILE A 69 5.97 7.84 5.57
N TYR A 70 4.95 8.41 6.19
CA TYR A 70 4.29 7.73 7.30
C TYR A 70 3.54 6.49 6.80
N LYS A 71 3.67 5.39 7.53
CA LYS A 71 3.04 4.14 7.14
C LYS A 71 1.52 4.14 7.34
N GLN A 72 1.06 4.78 8.40
CA GLN A 72 -0.37 4.82 8.69
C GLN A 72 -1.07 5.78 7.73
N SER A 73 -2.14 5.30 7.11
CA SER A 73 -2.82 6.06 6.06
C SER A 73 -3.32 7.44 6.54
N GLN A 74 -3.72 7.54 7.80
CA GLN A 74 -4.18 8.83 8.33
C GLN A 74 -3.05 9.85 8.51
N HIS A 75 -1.80 9.40 8.38
CA HIS A 75 -0.68 10.31 8.54
C HIS A 75 0.11 10.48 7.26
N MET A 76 -0.35 9.84 6.19
CA MET A 76 0.47 9.67 5.01
C MET A 76 0.67 10.98 4.24
N THR A 77 -0.24 11.94 4.42
CA THR A 77 -0.11 13.22 3.75
C THR A 77 0.80 14.17 4.53
N GLU A 78 1.22 13.78 5.72
CA GLU A 78 2.16 14.60 6.46
C GLU A 78 3.62 14.39 5.99
N VAL A 79 4.31 15.48 5.69
CA VAL A 79 5.72 15.38 5.32
C VAL A 79 6.51 14.80 6.49
N VAL A 80 7.23 13.72 6.25
CA VAL A 80 8.16 13.18 7.24
C VAL A 80 9.38 14.09 7.34
N ARG A 81 9.66 14.60 8.52
CA ARG A 81 10.78 15.51 8.75
C ARG A 81 11.43 15.27 10.12
N ARG A 82 12.64 15.78 10.31
CA ARG A 82 13.27 15.75 11.62
C ARG A 82 12.48 16.61 12.62
N CYS A 83 12.57 16.28 13.91
CA CYS A 83 11.80 16.95 14.95
C CYS A 83 12.30 18.37 15.23
N PRO A 84 11.56 19.14 16.04
CA PRO A 84 11.99 20.52 16.29
C PRO A 84 13.32 20.59 17.03
N HIS A 85 13.73 19.51 17.69
CA HIS A 85 15.03 19.50 18.33
C HIS A 85 16.15 19.18 17.33
N HIS A 86 16.02 18.04 16.64
CA HIS A 86 17.11 17.57 15.79
C HIS A 86 17.41 18.46 14.57
N GLU A 87 16.40 19.16 14.06
CA GLU A 87 16.61 20.06 12.94
C GLU A 87 17.49 21.25 13.34
N ARG A 88 17.66 21.45 14.65
CA ARG A 88 18.44 22.58 15.18
C ARG A 88 19.74 22.18 15.86
N CYS A 89 20.15 20.91 15.77
N CYS A 89 20.14 20.92 15.71
CA CYS A 89 21.34 20.53 16.52
CA CYS A 89 21.30 20.39 16.41
C CYS A 89 22.65 20.69 15.74
C CYS A 89 22.64 20.78 15.78
N SER A 90 22.58 21.31 14.56
CA SER A 90 23.79 21.71 13.85
C SER A 90 24.73 20.55 13.55
N ASP A 91 24.16 19.36 13.35
CA ASP A 91 24.95 18.18 13.00
C ASP A 91 25.06 18.04 11.48
N SER A 92 25.07 19.16 10.79
CA SER A 92 25.12 19.16 9.33
C SER A 92 26.39 18.52 8.81
N ASP A 93 26.26 17.70 7.77
CA ASP A 93 27.42 17.12 7.13
C ASP A 93 27.88 18.04 6.00
N GLY A 94 27.28 19.22 5.96
CA GLY A 94 27.62 20.21 4.95
C GLY A 94 26.83 20.09 3.66
N LEU A 95 26.05 19.02 3.52
CA LEU A 95 25.36 18.74 2.27
C LEU A 95 23.86 18.53 2.47
N ALA A 96 23.50 17.72 3.47
CA ALA A 96 22.11 17.48 3.80
C ALA A 96 21.50 18.69 4.53
N PRO A 97 20.32 19.11 4.07
CA PRO A 97 19.61 20.13 4.86
C PRO A 97 19.32 19.56 6.25
N PRO A 98 19.38 20.40 7.29
CA PRO A 98 19.14 20.00 8.69
C PRO A 98 17.74 19.39 8.90
N GLN A 99 16.79 19.70 8.04
CA GLN A 99 15.44 19.15 8.20
C GLN A 99 15.26 17.69 7.72
N HIS A 100 16.19 17.21 6.88
CA HIS A 100 16.06 15.88 6.27
C HIS A 100 16.34 14.71 7.19
N LEU A 101 15.33 13.86 7.37
CA LEU A 101 15.48 12.61 8.13
C LEU A 101 16.54 11.70 7.55
N ILE A 102 16.49 11.48 6.24
CA ILE A 102 17.36 10.49 5.62
C ILE A 102 18.54 11.15 4.93
N ARG A 103 19.75 10.74 5.30
CA ARG A 103 20.96 11.18 4.63
C ARG A 103 21.66 9.99 3.98
N VAL A 104 22.41 10.29 2.92
CA VAL A 104 23.35 9.34 2.35
C VAL A 104 24.73 9.67 2.89
N GLU A 105 25.44 8.63 3.32
CA GLU A 105 26.74 8.78 3.93
C GLU A 105 27.86 8.51 2.92
N GLY A 106 28.90 9.35 2.94
CA GLY A 106 30.09 9.13 2.13
C GLY A 106 29.89 9.15 0.62
N ASN A 107 29.02 10.02 0.13
CA ASN A 107 28.83 10.15 -1.33
C ASN A 107 28.62 11.60 -1.72
N LEU A 108 29.68 12.22 -2.22
CA LEU A 108 29.65 13.66 -2.50
C LEU A 108 28.76 14.01 -3.70
N ARG A 109 28.28 12.99 -4.39
CA ARG A 109 27.38 13.20 -5.52
C ARG A 109 25.91 13.11 -5.09
N ALA A 110 25.70 12.88 -3.79
CA ALA A 110 24.35 12.84 -3.26
C ALA A 110 23.68 14.19 -3.45
N GLU A 111 22.42 14.17 -3.85
CA GLU A 111 21.66 15.41 -3.93
C GLU A 111 20.45 15.33 -3.03
N TYR A 112 20.14 16.44 -2.38
CA TYR A 112 19.00 16.50 -1.47
C TYR A 112 17.89 17.40 -2.05
N LEU A 113 16.68 16.87 -2.14
CA LEU A 113 15.58 17.61 -2.76
C LEU A 113 14.49 18.01 -1.76
N ASP A 114 14.12 19.29 -1.77
CA ASP A 114 12.89 19.77 -1.16
C ASP A 114 11.91 19.96 -2.30
N ASP A 115 10.97 19.03 -2.45
CA ASP A 115 10.04 19.09 -3.56
C ASP A 115 9.23 20.39 -3.53
N ARG A 116 9.25 21.13 -4.63
CA ARG A 116 8.62 22.45 -4.68
C ARG A 116 7.10 22.38 -4.57
N ASN A 117 6.53 21.21 -4.89
CA ASN A 117 5.09 21.04 -4.80
C ASN A 117 4.58 20.27 -3.58
N THR A 118 5.19 19.12 -3.28
CA THR A 118 4.77 18.31 -2.14
C THR A 118 5.47 18.71 -0.86
N PHE A 119 6.56 19.46 -0.98
CA PHE A 119 7.39 19.80 0.18
C PHE A 119 8.08 18.59 0.82
N ARG A 120 7.91 17.42 0.22
CA ARG A 120 8.59 16.23 0.73
C ARG A 120 10.10 16.26 0.48
N HIS A 121 10.83 15.59 1.36
CA HIS A 121 12.29 15.53 1.29
C HIS A 121 12.73 14.21 0.64
N SER A 122 13.80 14.26 -0.14
CA SER A 122 14.42 13.02 -0.61
C SER A 122 15.90 13.22 -0.88
N VAL A 123 16.62 12.12 -0.98
CA VAL A 123 18.04 12.16 -1.27
C VAL A 123 18.29 11.13 -2.37
N VAL A 124 19.00 11.56 -3.41
CA VAL A 124 19.19 10.77 -4.63
C VAL A 124 20.67 10.77 -5.01
N VAL A 125 21.16 9.62 -5.49
CA VAL A 125 22.56 9.48 -5.88
C VAL A 125 22.63 8.74 -7.21
N PRO A 126 23.72 8.91 -7.96
CA PRO A 126 23.90 8.14 -9.19
C PRO A 126 23.92 6.65 -8.90
N CYS A 127 23.29 5.85 -9.74
CA CYS A 127 23.32 4.41 -9.54
C CYS A 127 24.59 3.88 -10.18
N GLU A 128 25.48 3.32 -9.37
CA GLU A 128 26.78 2.86 -9.87
C GLU A 128 26.84 1.35 -10.03
N PRO A 129 27.66 0.86 -10.96
CA PRO A 129 27.80 -0.59 -11.14
C PRO A 129 28.50 -1.21 -9.93
N PRO A 130 28.27 -2.50 -9.68
CA PRO A 130 29.04 -3.17 -8.63
C PRO A 130 30.54 -3.06 -8.93
N GLU A 131 31.36 -2.95 -7.90
CA GLU A 131 32.81 -2.96 -8.08
C GLU A 131 33.24 -4.36 -8.49
N VAL A 132 34.47 -4.48 -8.99
CA VAL A 132 35.00 -5.77 -9.42
C VAL A 132 34.96 -6.77 -8.27
N GLY A 133 34.41 -7.96 -8.55
CA GLY A 133 34.32 -8.99 -7.55
C GLY A 133 33.16 -8.78 -6.59
N SER A 134 32.26 -7.86 -6.95
CA SER A 134 31.04 -7.68 -6.19
C SER A 134 29.84 -7.89 -7.10
N ASP A 135 28.75 -8.37 -6.51
CA ASP A 135 27.55 -8.65 -7.31
C ASP A 135 26.45 -7.60 -7.14
N CYS A 136 26.66 -6.66 -6.23
CA CYS A 136 25.66 -5.62 -6.00
C CYS A 136 26.34 -4.32 -5.57
N THR A 137 25.60 -3.22 -5.61
CA THR A 137 26.12 -1.98 -5.07
C THR A 137 25.46 -1.72 -3.72
N THR A 138 26.15 -0.99 -2.86
CA THR A 138 25.63 -0.70 -1.53
C THR A 138 25.58 0.81 -1.29
N ILE A 139 24.47 1.27 -0.72
CA ILE A 139 24.34 2.66 -0.32
C ILE A 139 24.27 2.68 1.18
N HIS A 140 24.94 3.64 1.80
CA HIS A 140 24.90 3.77 3.26
C HIS A 140 23.99 4.93 3.69
N TYR A 141 22.85 4.61 4.30
CA TYR A 141 21.93 5.62 4.81
C TYR A 141 22.08 5.88 6.31
N ASN A 142 21.75 7.11 6.72
CA ASN A 142 21.65 7.48 8.13
C ASN A 142 20.25 8.02 8.36
N TYR A 143 19.64 7.64 9.46
CA TYR A 143 18.36 8.24 9.86
C TYR A 143 18.62 9.18 11.03
N MET A 144 18.24 10.45 10.88
CA MET A 144 18.69 11.49 11.79
C MET A 144 17.73 11.87 12.91
N CYS A 145 16.75 11.01 13.17
CA CYS A 145 15.78 11.20 14.25
C CYS A 145 15.32 9.85 14.77
N TYR A 146 15.00 9.80 16.06
CA TYR A 146 14.33 8.65 16.63
C TYR A 146 12.87 8.58 16.20
N SER A 147 12.38 7.36 15.97
CA SER A 147 10.95 7.16 15.75
C SER A 147 10.11 7.86 16.82
N SER A 148 10.62 7.92 18.04
CA SER A 148 9.87 8.43 19.18
C SER A 148 9.90 9.96 19.32
N CYS A 149 10.72 10.63 18.52
CA CYS A 149 10.91 12.07 18.70
C CYS A 149 9.62 12.89 18.75
N MET A 150 9.41 13.57 19.87
CA MET A 150 8.25 14.45 20.02
C MET A 150 8.30 15.61 19.03
N GLY A 151 7.14 15.89 18.44
CA GLY A 151 7.02 16.97 17.47
C GLY A 151 7.52 16.59 16.09
N GLY A 152 8.02 15.36 15.94
CA GLY A 152 8.47 14.85 14.66
C GLY A 152 7.74 13.54 14.37
N MET A 153 8.47 12.47 14.14
CA MET A 153 7.80 11.19 13.86
C MET A 153 6.85 10.80 15.01
N ASN A 154 7.27 11.08 16.24
CA ASN A 154 6.34 11.05 17.36
C ASN A 154 5.72 9.67 17.54
N ARG A 155 6.56 8.64 17.50
CA ARG A 155 6.15 7.26 17.67
C ARG A 155 5.39 6.65 16.48
N ARG A 156 5.15 7.45 15.45
CA ARG A 156 4.53 6.93 14.23
C ARG A 156 5.52 6.13 13.36
N PRO A 157 5.11 4.95 12.91
CA PRO A 157 5.95 4.17 11.99
C PRO A 157 6.10 4.86 10.62
N ILE A 158 7.29 4.77 10.05
CA ILE A 158 7.51 5.27 8.70
C ILE A 158 7.96 4.15 7.78
N LEU A 159 7.86 4.41 6.48
CA LEU A 159 8.41 3.55 5.45
C LEU A 159 9.44 4.37 4.73
N THR A 160 10.51 3.70 4.31
CA THR A 160 11.40 4.30 3.33
C THR A 160 11.11 3.70 1.97
N ILE A 161 10.92 4.59 0.99
CA ILE A 161 10.69 4.18 -0.38
C ILE A 161 11.95 4.42 -1.19
N ILE A 162 12.45 3.37 -1.83
CA ILE A 162 13.62 3.52 -2.68
C ILE A 162 13.18 3.37 -4.11
N THR A 163 13.45 4.39 -4.92
CA THR A 163 13.05 4.36 -6.32
CA THR A 163 13.04 4.38 -6.31
C THR A 163 14.26 4.45 -7.22
N LEU A 164 14.25 3.60 -8.24
CA LEU A 164 15.25 3.65 -9.29
C LEU A 164 14.63 4.53 -10.37
N GLU A 165 15.35 5.55 -10.79
CA GLU A 165 14.81 6.47 -11.79
C GLU A 165 15.80 6.77 -12.91
N ASP A 166 15.27 7.16 -14.07
CA ASP A 166 16.12 7.55 -15.21
C ASP A 166 16.53 9.01 -15.05
N SER A 167 17.34 9.49 -15.98
CA SER A 167 17.93 10.82 -15.85
C SER A 167 16.88 11.94 -15.73
N SER A 168 15.66 11.70 -16.23
CA SER A 168 14.56 12.65 -16.09
C SER A 168 13.81 12.48 -14.77
N GLY A 169 14.14 11.42 -14.04
CA GLY A 169 13.42 11.16 -12.80
C GLY A 169 12.16 10.33 -13.00
N ASN A 170 12.01 9.72 -14.17
CA ASN A 170 10.91 8.77 -14.38
C ASN A 170 11.19 7.44 -13.71
N LEU A 171 10.12 6.78 -13.29
CA LEU A 171 10.19 5.55 -12.52
C LEU A 171 10.74 4.36 -13.32
N LEU A 172 11.73 3.67 -12.77
CA LEU A 172 12.25 2.44 -13.37
C LEU A 172 12.03 1.22 -12.46
N GLY A 173 12.00 1.49 -11.16
CA GLY A 173 11.87 0.44 -10.16
C GLY A 173 11.58 1.04 -8.81
N ARG A 174 10.94 0.26 -7.95
CA ARG A 174 10.60 0.72 -6.61
C ARG A 174 10.61 -0.44 -5.62
N ASP A 175 11.15 -0.20 -4.44
CA ASP A 175 11.08 -1.15 -3.32
C ASP A 175 10.84 -0.31 -2.07
N SER A 176 10.54 -0.94 -0.94
CA SER A 176 10.31 -0.19 0.29
C SER A 176 10.45 -1.09 1.50
N PHE A 177 10.64 -0.45 2.65
CA PHE A 177 10.77 -1.15 3.92
C PHE A 177 10.38 -0.20 5.03
N GLU A 178 9.77 -0.75 6.07
CA GLU A 178 9.48 0.00 7.29
C GLU A 178 10.79 0.28 8.03
N VAL A 179 10.84 1.39 8.74
CA VAL A 179 12.01 1.74 9.53
C VAL A 179 11.62 2.12 10.94
N ARG A 180 12.35 1.61 11.93
CA ARG A 180 12.26 2.12 13.29
C ARG A 180 13.62 2.56 13.76
N VAL A 181 13.75 3.84 14.09
CA VAL A 181 15.00 4.38 14.62
C VAL A 181 14.85 4.41 16.13
N CYS A 182 15.65 3.61 16.81
CA CYS A 182 15.52 3.40 18.25
C CYS A 182 16.88 3.19 18.89
N ALA A 183 16.89 3.15 20.23
CA ALA A 183 18.13 3.01 20.96
C ALA A 183 18.68 1.58 20.93
N CYS A 184 17.79 0.59 20.91
CA CYS A 184 18.22 -0.81 20.94
CA CYS A 184 18.20 -0.80 20.95
C CYS A 184 17.55 -1.61 19.83
N PRO A 185 18.06 -1.46 18.59
CA PRO A 185 17.48 -2.14 17.44
C PRO A 185 17.38 -3.65 17.62
N GLY A 186 18.39 -4.29 18.18
CA GLY A 186 18.39 -5.73 18.31
C GLY A 186 17.28 -6.23 19.22
N ARG A 187 17.07 -5.53 20.33
CA ARG A 187 16.03 -5.91 21.26
C ARG A 187 14.64 -5.65 20.69
N ASP A 188 14.47 -4.51 20.01
CA ASP A 188 13.18 -4.15 19.44
C ASP A 188 12.81 -5.07 18.27
N ARG A 189 13.81 -5.52 17.52
CA ARG A 189 13.54 -6.50 16.46
C ARG A 189 13.03 -7.81 17.06
N ARG A 190 13.73 -8.33 18.06
CA ARG A 190 13.33 -9.56 18.74
C ARG A 190 11.91 -9.45 19.30
N THR A 191 11.60 -8.31 19.87
CA THR A 191 10.29 -8.07 20.44
C THR A 191 9.18 -8.04 19.40
N GLU A 192 9.37 -7.24 18.35
CA GLU A 192 8.37 -7.16 17.30
C GLU A 192 8.21 -8.48 16.54
N GLU A 193 9.31 -9.21 16.36
CA GLU A 193 9.22 -10.52 15.69
C GLU A 193 8.46 -11.51 16.57
N GLU A 194 8.67 -11.42 17.88
CA GLU A 194 7.93 -12.26 18.82
C GLU A 194 6.44 -11.93 18.80
N ASN A 195 6.11 -10.65 18.91
CA ASN A 195 4.71 -10.22 18.85
C ASN A 195 4.04 -10.72 17.57
N LEU A 196 4.77 -10.69 16.46
CA LEU A 196 4.24 -11.14 15.19
C LEU A 196 3.91 -12.63 15.26
N ARG A 197 4.79 -13.39 15.89
CA ARG A 197 4.64 -14.84 15.97
C ARG A 197 3.40 -15.26 16.74
N VAL B 4 -31.26 2.45 -8.56
CA VAL B 4 -30.66 1.20 -8.10
C VAL B 4 -29.99 0.42 -9.23
N PRO B 5 -28.65 0.33 -9.18
CA PRO B 5 -27.92 -0.43 -10.19
C PRO B 5 -28.31 -1.89 -10.11
N SER B 6 -28.35 -2.58 -11.24
CA SER B 6 -28.63 -4.02 -11.20
C SER B 6 -27.53 -4.81 -10.50
N GLN B 7 -27.91 -5.87 -9.81
CA GLN B 7 -26.94 -6.78 -9.24
C GLN B 7 -27.02 -8.16 -9.89
N LYS B 8 -27.71 -8.25 -11.02
CA LYS B 8 -27.93 -9.56 -11.63
C LYS B 8 -26.67 -10.12 -12.27
N THR B 9 -26.35 -11.34 -11.89
CA THR B 9 -25.21 -12.06 -12.44
C THR B 9 -25.38 -12.16 -13.96
N TYR B 10 -24.31 -11.85 -14.68
CA TYR B 10 -24.34 -11.83 -16.14
C TYR B 10 -22.93 -12.10 -16.62
N GLN B 11 -22.68 -13.32 -17.06
CA GLN B 11 -21.35 -13.71 -17.50
C GLN B 11 -20.95 -13.03 -18.81
N GLY B 12 -21.94 -12.74 -19.65
CA GLY B 12 -21.70 -12.07 -20.93
C GLY B 12 -20.86 -12.92 -21.88
N SER B 13 -20.44 -12.32 -22.99
CA SER B 13 -19.72 -13.02 -24.05
C SER B 13 -18.36 -13.58 -23.65
N TYR B 14 -17.74 -12.98 -22.65
CA TYR B 14 -16.41 -13.41 -22.23
C TYR B 14 -16.45 -14.43 -21.09
N GLY B 15 -17.65 -14.83 -20.68
CA GLY B 15 -17.80 -15.77 -19.59
C GLY B 15 -17.17 -15.24 -18.30
N PHE B 16 -17.57 -14.03 -17.90
CA PHE B 16 -16.92 -13.33 -16.82
C PHE B 16 -17.48 -13.75 -15.47
N ARG B 17 -16.60 -14.02 -14.52
CA ARG B 17 -17.05 -14.29 -13.16
C ARG B 17 -15.92 -14.12 -12.15
N LEU B 18 -16.32 -13.91 -10.90
CA LEU B 18 -15.38 -13.63 -9.83
C LEU B 18 -14.80 -14.90 -9.23
N GLY B 19 -13.70 -14.74 -8.50
CA GLY B 19 -13.14 -15.81 -7.71
C GLY B 19 -12.48 -15.24 -6.48
N PHE B 20 -12.44 -16.04 -5.41
CA PHE B 20 -11.83 -15.63 -4.15
C PHE B 20 -10.86 -16.70 -3.66
N LEU B 21 -9.81 -16.26 -2.98
CA LEU B 21 -8.85 -17.18 -2.40
C LEU B 21 -9.54 -17.91 -1.25
N HIS B 22 -8.94 -19.01 -0.82
CA HIS B 22 -9.47 -19.75 0.31
C HIS B 22 -8.55 -19.46 1.49
N SER B 23 -8.91 -18.46 2.29
CA SER B 23 -8.01 -17.93 3.32
C SER B 23 -8.24 -18.52 4.72
N GLY B 24 -9.25 -19.37 4.86
CA GLY B 24 -9.54 -19.97 6.16
C GLY B 24 -10.22 -19.01 7.12
N THR B 25 -10.44 -19.47 8.35
CA THR B 25 -11.20 -18.71 9.33
C THR B 25 -10.42 -18.51 10.64
N ALA B 26 -9.10 -18.59 10.59
CA ALA B 26 -8.28 -18.31 11.77
C ALA B 26 -8.52 -16.87 12.22
N LYS B 27 -8.60 -16.65 13.53
CA LYS B 27 -8.97 -15.34 14.05
C LYS B 27 -7.99 -14.24 13.61
N SER B 28 -6.81 -14.64 13.16
CA SER B 28 -5.84 -13.70 12.62
C SER B 28 -6.15 -13.26 11.17
N VAL B 29 -6.98 -14.03 10.47
CA VAL B 29 -7.22 -13.79 9.04
C VAL B 29 -7.76 -12.36 8.78
N THR B 30 -7.21 -11.70 7.77
CA THR B 30 -7.58 -10.32 7.47
C THR B 30 -8.69 -10.22 6.42
N CYS B 31 -8.89 -11.29 5.67
CA CYS B 31 -9.90 -11.31 4.63
C CYS B 31 -10.21 -12.75 4.29
N THR B 32 -11.49 -13.09 4.30
CA THR B 32 -11.92 -14.46 4.02
C THR B 32 -13.29 -14.46 3.38
N TYR B 33 -13.49 -15.38 2.43
CA TYR B 33 -14.70 -15.40 1.65
C TYR B 33 -15.53 -16.65 1.93
N SER B 34 -16.83 -16.45 2.12
CA SER B 34 -17.74 -17.56 2.33
C SER B 34 -18.58 -17.86 1.09
N PRO B 35 -18.27 -18.97 0.41
CA PRO B 35 -19.06 -19.40 -0.76
C PRO B 35 -20.49 -19.71 -0.39
N ALA B 36 -20.73 -20.27 0.80
CA ALA B 36 -22.08 -20.64 1.19
C ALA B 36 -22.96 -19.41 1.40
N LEU B 37 -22.37 -18.31 1.86
CA LEU B 37 -23.09 -17.07 2.06
C LEU B 37 -22.90 -16.08 0.91
N ASN B 38 -22.03 -16.41 -0.03
CA ASN B 38 -21.57 -15.45 -1.04
C ASN B 38 -21.20 -14.13 -0.38
N LYS B 39 -20.33 -14.21 0.62
CA LYS B 39 -20.07 -13.05 1.44
C LYS B 39 -18.59 -12.95 1.80
N LEU B 40 -18.04 -11.76 1.60
CA LEU B 40 -16.65 -11.51 1.94
C LEU B 40 -16.62 -10.88 3.32
N PHE B 41 -15.72 -11.37 4.16
CA PHE B 41 -15.48 -10.78 5.48
C PHE B 41 -14.07 -10.21 5.49
N CYS B 42 -13.92 -8.96 5.86
CA CYS B 42 -12.58 -8.37 5.85
C CYS B 42 -12.39 -7.34 6.94
N GLN B 43 -11.14 -7.17 7.35
CA GLN B 43 -10.80 -6.14 8.31
C GLN B 43 -10.76 -4.79 7.61
N LEU B 44 -10.85 -3.72 8.38
CA LEU B 44 -10.87 -2.36 7.86
C LEU B 44 -9.62 -2.03 7.05
N ALA B 45 -9.82 -1.60 5.81
CA ALA B 45 -8.75 -1.12 4.94
C ALA B 45 -7.68 -2.17 4.61
N LYS B 46 -7.99 -3.44 4.81
CA LYS B 46 -7.06 -4.50 4.49
C LYS B 46 -7.24 -4.99 3.06
N THR B 47 -6.18 -5.56 2.51
CA THR B 47 -6.17 -6.12 1.17
C THR B 47 -7.22 -7.21 0.98
N CYS B 48 -8.06 -7.02 -0.02
CA CYS B 48 -9.10 -7.98 -0.37
C CYS B 48 -8.89 -8.39 -1.81
N PRO B 49 -8.23 -9.53 -2.02
CA PRO B 49 -7.95 -10.00 -3.38
C PRO B 49 -9.21 -10.55 -4.02
N VAL B 50 -9.50 -10.11 -5.25
CA VAL B 50 -10.65 -10.58 -5.99
C VAL B 50 -10.22 -10.99 -7.39
N GLN B 51 -10.51 -12.22 -7.76
CA GLN B 51 -10.05 -12.76 -9.03
C GLN B 51 -11.07 -12.49 -10.11
N LEU B 52 -10.57 -12.15 -11.30
CA LEU B 52 -11.43 -11.98 -12.46
C LEU B 52 -11.17 -13.14 -13.41
N TRP B 53 -12.18 -13.97 -13.60
CA TRP B 53 -12.06 -15.11 -14.47
C TRP B 53 -12.87 -14.86 -15.73
N VAL B 54 -12.30 -15.24 -16.87
CA VAL B 54 -12.99 -15.15 -18.14
C VAL B 54 -12.71 -16.42 -18.94
N ASP B 55 -13.67 -16.80 -19.79
CA ASP B 55 -13.47 -17.91 -20.73
C ASP B 55 -12.66 -17.48 -21.96
N SER B 56 -12.80 -16.22 -22.36
CA SER B 56 -12.01 -15.68 -23.46
C SER B 56 -11.54 -14.26 -23.16
N THR B 57 -10.46 -13.87 -23.85
CA THR B 57 -9.82 -12.59 -23.59
C THR B 57 -10.62 -11.40 -24.11
N PRO B 58 -11.01 -10.49 -23.21
CA PRO B 58 -11.68 -9.25 -23.61
C PRO B 58 -10.64 -8.34 -24.28
N PRO B 59 -11.11 -7.38 -25.09
CA PRO B 59 -10.25 -6.46 -25.84
C PRO B 59 -9.44 -5.49 -24.99
N PRO B 60 -8.32 -4.97 -25.54
CA PRO B 60 -7.58 -3.91 -24.86
C PRO B 60 -8.53 -2.73 -24.65
N GLY B 61 -8.44 -2.09 -23.49
CA GLY B 61 -9.37 -1.03 -23.16
C GLY B 61 -10.51 -1.49 -22.27
N THR B 62 -10.68 -2.81 -22.15
CA THR B 62 -11.66 -3.36 -21.21
C THR B 62 -11.34 -2.95 -19.78
N ARG B 63 -12.36 -2.60 -19.00
CA ARG B 63 -12.17 -2.15 -17.63
C ARG B 63 -13.00 -2.95 -16.63
N VAL B 64 -12.70 -2.76 -15.36
CA VAL B 64 -13.48 -3.40 -14.29
C VAL B 64 -13.83 -2.38 -13.22
N ARG B 65 -15.13 -2.32 -12.89
CA ARG B 65 -15.65 -1.32 -11.97
C ARG B 65 -16.23 -2.00 -10.74
N ALA B 66 -16.04 -1.40 -9.57
CA ALA B 66 -16.61 -1.92 -8.35
C ALA B 66 -17.54 -0.86 -7.77
N MET B 67 -18.71 -1.28 -7.30
CA MET B 67 -19.64 -0.35 -6.67
C MET B 67 -20.37 -1.03 -5.52
N ALA B 68 -20.62 -0.28 -4.45
CA ALA B 68 -21.36 -0.86 -3.33
C ALA B 68 -22.80 -0.36 -3.31
N ILE B 69 -23.74 -1.25 -2.99
CA ILE B 69 -25.11 -0.84 -2.69
C ILE B 69 -25.58 -1.54 -1.42
N TYR B 70 -26.61 -0.99 -0.78
CA TYR B 70 -27.24 -1.64 0.36
C TYR B 70 -28.03 -2.86 -0.10
N LYS B 71 -27.95 -3.93 0.68
CA LYS B 71 -28.60 -5.19 0.33
C LYS B 71 -30.12 -5.16 0.54
N GLN B 72 -30.54 -4.52 1.62
CA GLN B 72 -31.95 -4.51 2.01
C GLN B 72 -32.79 -3.55 1.18
N SER B 73 -33.99 -4.00 0.81
CA SER B 73 -34.84 -3.24 -0.10
C SER B 73 -35.09 -1.84 0.42
N GLN B 74 -35.19 -1.69 1.74
CA GLN B 74 -35.50 -0.41 2.36
C GLN B 74 -34.33 0.57 2.29
N HIS B 75 -33.15 0.06 1.96
CA HIS B 75 -31.94 0.88 1.97
C HIS B 75 -31.28 1.01 0.61
N MET B 76 -31.71 0.21 -0.36
CA MET B 76 -31.00 0.14 -1.62
C MET B 76 -30.91 1.44 -2.41
N THR B 77 -31.84 2.37 -2.20
CA THR B 77 -31.81 3.64 -2.92
C THR B 77 -30.84 4.64 -2.27
N GLU B 78 -30.33 4.30 -1.10
CA GLU B 78 -29.37 5.17 -0.44
C GLU B 78 -27.95 4.93 -0.92
N VAL B 79 -27.23 6.00 -1.21
CA VAL B 79 -25.85 5.89 -1.64
C VAL B 79 -24.98 5.32 -0.51
N VAL B 80 -24.29 4.22 -0.78
CA VAL B 80 -23.32 3.71 0.17
C VAL B 80 -22.12 4.66 0.20
N ARG B 81 -21.78 5.14 1.39
CA ARG B 81 -20.66 6.04 1.56
C ARG B 81 -19.95 5.80 2.90
N ARG B 82 -18.78 6.42 3.07
CA ARG B 82 -18.07 6.32 4.33
C ARG B 82 -18.77 7.17 5.39
N CYS B 83 -18.63 6.76 6.66
CA CYS B 83 -19.33 7.41 7.77
C CYS B 83 -18.82 8.83 8.02
N PRO B 84 -19.55 9.62 8.81
CA PRO B 84 -19.09 10.99 9.10
C PRO B 84 -17.70 11.04 9.73
N HIS B 85 -17.29 9.98 10.42
CA HIS B 85 -15.94 9.96 10.97
C HIS B 85 -14.85 9.71 9.92
N HIS B 86 -14.97 8.62 9.17
CA HIS B 86 -13.88 8.21 8.27
C HIS B 86 -13.67 9.14 7.05
N GLU B 87 -14.75 9.74 6.57
CA GLU B 87 -14.61 10.69 5.48
C GLU B 87 -13.81 11.93 5.90
N ARG B 88 -13.56 12.08 7.20
CA ARG B 88 -12.85 13.25 7.73
C ARG B 88 -11.51 12.94 8.41
N CYS B 89 -11.01 11.72 8.22
N CYS B 89 -11.01 11.72 8.17
CA CYS B 89 -9.79 11.33 8.92
CA CYS B 89 -9.81 11.22 8.85
C CYS B 89 -8.52 11.46 8.09
C CYS B 89 -8.52 11.58 8.16
N SER B 90 -8.62 12.17 6.96
CA SER B 90 -7.44 12.49 6.16
C SER B 90 -6.62 11.28 5.77
N ASP B 91 -7.28 10.17 5.48
CA ASP B 91 -6.56 8.95 5.12
C ASP B 91 -6.61 8.66 3.62
N SER B 92 -6.91 9.68 2.82
CA SER B 92 -6.95 9.53 1.37
C SER B 92 -5.54 9.38 0.79
N ASP B 93 -5.39 8.50 -0.19
CA ASP B 93 -4.10 8.22 -0.83
C ASP B 93 -3.80 9.18 -1.96
N GLY B 94 -4.55 10.27 -2.04
CA GLY B 94 -4.41 11.21 -3.14
C GLY B 94 -5.33 10.93 -4.32
N LEU B 95 -5.68 9.67 -4.52
CA LEU B 95 -6.54 9.27 -5.64
C LEU B 95 -7.99 9.12 -5.21
N ALA B 96 -8.24 8.30 -4.19
CA ALA B 96 -9.59 8.06 -3.74
C ALA B 96 -10.14 9.26 -2.98
N PRO B 97 -11.33 9.74 -3.38
CA PRO B 97 -12.01 10.73 -2.54
C PRO B 97 -12.22 10.13 -1.13
N PRO B 98 -12.22 10.97 -0.08
CA PRO B 98 -12.38 10.49 1.30
C PRO B 98 -13.78 9.90 1.57
N GLN B 99 -14.74 10.17 0.69
CA GLN B 99 -16.10 9.66 0.86
C GLN B 99 -16.26 8.20 0.39
N HIS B 100 -15.35 7.75 -0.49
CA HIS B 100 -15.53 6.44 -1.13
C HIS B 100 -15.21 5.28 -0.22
N LEU B 101 -16.18 4.39 -0.04
CA LEU B 101 -15.95 3.17 0.75
C LEU B 101 -14.91 2.26 0.10
N ILE B 102 -15.06 2.02 -1.19
CA ILE B 102 -14.21 1.08 -1.89
C ILE B 102 -13.03 1.73 -2.59
N ARG B 103 -11.82 1.27 -2.28
CA ARG B 103 -10.61 1.70 -2.99
C ARG B 103 -9.95 0.52 -3.68
N VAL B 104 -9.25 0.80 -4.78
CA VAL B 104 -8.31 -0.14 -5.35
C VAL B 104 -6.92 0.13 -4.77
N GLU B 105 -6.27 -0.93 -4.31
CA GLU B 105 -4.93 -0.82 -3.76
C GLU B 105 -3.87 -1.09 -4.82
N GLY B 106 -2.85 -0.24 -4.86
CA GLY B 106 -1.66 -0.46 -5.66
C GLY B 106 -1.85 -0.39 -7.17
N ASN B 107 -2.67 0.53 -7.64
CA ASN B 107 -2.86 0.72 -9.07
C ASN B 107 -3.12 2.20 -9.39
N LEU B 108 -2.08 2.88 -9.85
CA LEU B 108 -2.16 4.31 -10.15
C LEU B 108 -3.10 4.64 -11.30
N ARG B 109 -3.57 3.63 -12.01
CA ARG B 109 -4.50 3.87 -13.11
C ARG B 109 -5.96 3.77 -12.68
N ALA B 110 -6.15 3.47 -11.39
CA ALA B 110 -7.49 3.44 -10.81
C ALA B 110 -8.16 4.80 -10.97
N GLU B 111 -9.42 4.80 -11.36
CA GLU B 111 -10.18 6.04 -11.45
C GLU B 111 -11.43 5.98 -10.58
N TYR B 112 -11.72 7.09 -9.91
CA TYR B 112 -12.84 7.14 -9.00
C TYR B 112 -13.94 8.02 -9.56
N LEU B 113 -15.15 7.48 -9.61
CA LEU B 113 -16.27 8.21 -10.19
C LEU B 113 -17.32 8.60 -9.14
N ASP B 114 -17.68 9.88 -9.11
CA ASP B 114 -18.90 10.33 -8.47
C ASP B 114 -19.92 10.50 -9.58
N ASP B 115 -20.87 9.58 -9.67
CA ASP B 115 -21.82 9.62 -10.77
C ASP B 115 -22.64 10.91 -10.71
N ARG B 116 -22.64 11.67 -11.80
CA ARG B 116 -23.24 13.00 -11.78
C ARG B 116 -24.76 12.95 -11.62
N ASN B 117 -25.35 11.81 -11.97
CA ASN B 117 -26.81 11.67 -11.90
C ASN B 117 -27.32 10.96 -10.64
N THR B 118 -26.63 9.92 -10.22
CA THR B 118 -27.09 9.08 -9.11
C THR B 118 -26.31 9.38 -7.86
N PHE B 119 -25.19 10.06 -8.01
CA PHE B 119 -24.34 10.37 -6.87
C PHE B 119 -23.63 9.15 -6.26
N ARG B 120 -23.83 7.99 -6.85
CA ARG B 120 -23.12 6.80 -6.39
C ARG B 120 -21.64 6.82 -6.71
N HIS B 121 -20.86 6.17 -5.84
CA HIS B 121 -19.41 6.07 -6.01
C HIS B 121 -19.00 4.75 -6.64
N SER B 122 -17.96 4.79 -7.47
CA SER B 122 -17.32 3.57 -7.92
C SER B 122 -15.85 3.79 -8.20
N VAL B 123 -15.12 2.71 -8.36
CA VAL B 123 -13.72 2.82 -8.74
C VAL B 123 -13.49 1.81 -9.86
N VAL B 124 -12.82 2.26 -10.92
CA VAL B 124 -12.68 1.45 -12.12
C VAL B 124 -11.20 1.41 -12.53
N VAL B 125 -10.74 0.27 -13.02
CA VAL B 125 -9.35 0.14 -13.47
C VAL B 125 -9.29 -0.60 -14.79
N PRO B 126 -8.23 -0.37 -15.58
CA PRO B 126 -8.06 -1.16 -16.80
C PRO B 126 -7.81 -2.62 -16.46
N CYS B 127 -8.45 -3.54 -17.17
CA CYS B 127 -8.10 -4.95 -17.03
C CYS B 127 -6.79 -5.24 -17.72
N GLU B 128 -5.98 -6.07 -17.07
CA GLU B 128 -4.76 -6.53 -17.67
C GLU B 128 -4.81 -8.04 -17.74
N PRO B 129 -4.05 -8.63 -18.66
CA PRO B 129 -3.98 -10.10 -18.74
C PRO B 129 -3.38 -10.67 -17.47
N PRO B 130 -3.67 -11.95 -17.18
CA PRO B 130 -3.04 -12.64 -16.05
C PRO B 130 -1.53 -12.56 -16.18
N GLU B 131 -0.81 -12.36 -15.08
CA GLU B 131 0.65 -12.40 -15.11
C GLU B 131 1.10 -13.77 -15.60
N VAL B 132 2.35 -13.87 -16.03
CA VAL B 132 2.85 -15.13 -16.53
C VAL B 132 2.81 -16.19 -15.45
N GLY B 133 2.34 -17.39 -15.81
CA GLY B 133 2.20 -18.45 -14.84
C GLY B 133 1.06 -18.19 -13.87
N SER B 134 -0.01 -17.59 -14.38
CA SER B 134 -1.24 -17.39 -13.61
C SER B 134 -2.43 -17.51 -14.56
N ASP B 135 -3.56 -17.97 -14.02
CA ASP B 135 -4.73 -18.27 -14.84
C ASP B 135 -5.79 -17.19 -14.81
N CYS B 136 -5.63 -16.22 -13.92
CA CYS B 136 -6.61 -15.16 -13.80
C CYS B 136 -5.94 -13.86 -13.42
N THR B 137 -6.66 -12.76 -13.61
CA THR B 137 -6.21 -11.47 -13.15
C THR B 137 -6.80 -11.27 -11.77
N THR B 138 -6.05 -10.64 -10.89
CA THR B 138 -6.54 -10.35 -9.55
C THR B 138 -6.45 -8.85 -9.28
N ILE B 139 -7.49 -8.30 -8.67
CA ILE B 139 -7.48 -6.90 -8.25
C ILE B 139 -7.59 -6.87 -6.73
N HIS B 140 -6.97 -5.87 -6.11
CA HIS B 140 -6.98 -5.74 -4.65
C HIS B 140 -7.83 -4.56 -4.21
N TYR B 141 -8.89 -4.86 -3.45
CA TYR B 141 -9.77 -3.82 -2.94
C TYR B 141 -9.49 -3.58 -1.46
N ASN B 142 -9.76 -2.35 -0.99
CA ASN B 142 -9.75 -2.01 0.42
C ASN B 142 -11.12 -1.40 0.75
N TYR B 143 -11.74 -1.86 1.83
CA TYR B 143 -13.00 -1.27 2.29
C TYR B 143 -12.68 -0.35 3.45
N MET B 144 -13.14 0.89 3.37
CA MET B 144 -12.62 1.95 4.24
C MET B 144 -13.51 2.32 5.42
N CYS B 145 -14.54 1.52 5.67
CA CYS B 145 -15.38 1.68 6.86
C CYS B 145 -15.76 0.30 7.38
N TYR B 146 -16.01 0.22 8.68
CA TYR B 146 -16.65 -0.95 9.28
C TYR B 146 -18.11 -1.01 8.87
N SER B 147 -18.63 -2.22 8.68
CA SER B 147 -20.06 -2.40 8.45
C SER B 147 -20.86 -1.70 9.53
N SER B 148 -20.27 -1.60 10.73
CA SER B 148 -20.97 -1.03 11.88
C SER B 148 -20.86 0.51 12.02
N CYS B 149 -20.11 1.18 11.16
CA CYS B 149 -19.85 2.63 11.38
C CYS B 149 -21.12 3.46 11.47
N MET B 150 -21.32 4.14 12.60
CA MET B 150 -22.51 4.97 12.81
C MET B 150 -22.56 6.12 11.81
N GLY B 151 -23.73 6.37 11.22
CA GLY B 151 -23.89 7.46 10.27
C GLY B 151 -23.37 7.10 8.89
N GLY B 152 -22.80 5.91 8.77
CA GLY B 152 -22.44 5.35 7.48
C GLY B 152 -23.27 4.11 7.25
N MET B 153 -22.62 2.98 7.01
CA MET B 153 -23.33 1.73 6.76
C MET B 153 -24.25 1.38 7.94
N ASN B 154 -23.81 1.72 9.16
CA ASN B 154 -24.66 1.62 10.34
C ASN B 154 -25.29 0.24 10.45
N ARG B 155 -24.43 -0.78 10.44
CA ARG B 155 -24.85 -2.17 10.57
C ARG B 155 -25.67 -2.74 9.41
N ARG B 156 -25.94 -1.94 8.38
CA ARG B 156 -26.67 -2.44 7.22
C ARG B 156 -25.74 -3.18 6.28
N PRO B 157 -26.14 -4.38 5.85
CA PRO B 157 -25.33 -5.19 4.91
C PRO B 157 -25.27 -4.54 3.53
N ILE B 158 -24.12 -4.68 2.89
CA ILE B 158 -23.95 -4.17 1.53
C ILE B 158 -23.58 -5.30 0.58
N LEU B 159 -23.71 -5.02 -0.71
CA LEU B 159 -23.16 -5.88 -1.74
C LEU B 159 -22.15 -5.05 -2.51
N THR B 160 -21.11 -5.71 -2.99
CA THR B 160 -20.25 -5.11 -3.99
C THR B 160 -20.65 -5.69 -5.35
N ILE B 161 -20.86 -4.81 -6.31
CA ILE B 161 -21.15 -5.21 -7.68
C ILE B 161 -19.90 -4.96 -8.51
N ILE B 162 -19.41 -6.01 -9.14
CA ILE B 162 -18.27 -5.90 -10.03
C ILE B 162 -18.79 -6.00 -11.44
N THR B 163 -18.48 -4.99 -12.25
CA THR B 163 -18.92 -4.97 -13.63
CA THR B 163 -18.92 -4.96 -13.64
C THR B 163 -17.72 -4.95 -14.56
N LEU B 164 -17.73 -5.84 -15.53
CA LEU B 164 -16.72 -5.81 -16.59
C LEU B 164 -17.34 -4.92 -17.66
N GLU B 165 -16.58 -3.94 -18.14
CA GLU B 165 -17.13 -3.00 -19.12
C GLU B 165 -16.16 -2.69 -20.26
N ASP B 166 -16.70 -2.31 -21.42
CA ASP B 166 -15.84 -1.91 -22.53
C ASP B 166 -15.36 -0.47 -22.33
N SER B 167 -14.58 0.03 -23.27
CA SER B 167 -13.94 1.32 -23.11
C SER B 167 -14.94 2.48 -23.04
N SER B 168 -16.17 2.23 -23.47
CA SER B 168 -17.22 3.25 -23.35
C SER B 168 -18.00 3.14 -22.05
N GLY B 169 -17.72 2.09 -21.27
CA GLY B 169 -18.48 1.86 -20.05
C GLY B 169 -19.71 0.99 -20.29
N ASN B 170 -19.87 0.45 -21.50
CA ASN B 170 -20.96 -0.48 -21.75
C ASN B 170 -20.73 -1.79 -21.02
N LEU B 171 -21.80 -2.39 -20.54
CA LEU B 171 -21.71 -3.60 -19.74
C LEU B 171 -21.23 -4.78 -20.56
N LEU B 172 -20.22 -5.49 -20.08
CA LEU B 172 -19.78 -6.76 -20.69
C LEU B 172 -20.11 -7.97 -19.82
N GLY B 173 -20.11 -7.76 -18.50
CA GLY B 173 -20.33 -8.81 -17.53
C GLY B 173 -20.61 -8.26 -16.15
N ARG B 174 -21.27 -9.05 -15.31
CA ARG B 174 -21.59 -8.61 -13.96
C ARG B 174 -21.55 -9.76 -12.97
N ASP B 175 -21.02 -9.47 -11.77
CA ASP B 175 -21.05 -10.41 -10.66
C ASP B 175 -21.16 -9.59 -9.39
N SER B 176 -21.43 -10.24 -8.27
CA SER B 176 -21.62 -9.53 -7.02
C SER B 176 -21.39 -10.42 -5.80
N PHE B 177 -21.17 -9.78 -4.67
CA PHE B 177 -20.97 -10.49 -3.42
C PHE B 177 -21.26 -9.56 -2.27
N GLU B 178 -21.80 -10.13 -1.19
CA GLU B 178 -22.05 -9.40 0.04
C GLU B 178 -20.72 -9.18 0.75
N VAL B 179 -20.62 -8.08 1.49
CA VAL B 179 -19.42 -7.75 2.23
C VAL B 179 -19.81 -7.39 3.65
N ARG B 180 -19.03 -7.87 4.60
CA ARG B 180 -19.06 -7.35 5.97
C ARG B 180 -17.64 -6.95 6.38
N VAL B 181 -17.49 -5.68 6.77
CA VAL B 181 -16.21 -5.18 7.21
C VAL B 181 -16.25 -5.16 8.72
N CYS B 182 -15.37 -5.95 9.34
CA CYS B 182 -15.45 -6.21 10.78
C CYS B 182 -14.07 -6.44 11.40
N ALA B 183 -14.02 -6.53 12.72
CA ALA B 183 -12.74 -6.66 13.43
C ALA B 183 -12.13 -8.05 13.28
N CYS B 184 -12.98 -9.07 13.38
CA CYS B 184 -12.52 -10.46 13.29
CA CYS B 184 -12.51 -10.46 13.27
C CYS B 184 -13.29 -11.22 12.20
N PRO B 185 -12.87 -11.08 10.94
CA PRO B 185 -13.52 -11.74 9.81
C PRO B 185 -13.62 -13.25 10.00
N GLY B 186 -12.53 -13.87 10.44
CA GLY B 186 -12.50 -15.31 10.66
C GLY B 186 -13.62 -15.78 11.57
N ARG B 187 -13.76 -15.12 12.71
CA ARG B 187 -14.76 -15.51 13.69
C ARG B 187 -16.18 -15.23 13.19
N ASP B 188 -16.36 -14.07 12.56
CA ASP B 188 -17.69 -13.73 12.04
C ASP B 188 -18.13 -14.65 10.92
N ARG B 189 -17.18 -15.10 10.10
CA ARG B 189 -17.53 -16.03 9.04
C ARG B 189 -18.00 -17.36 9.67
N ARG B 190 -17.19 -17.92 10.58
CA ARG B 190 -17.56 -19.17 11.26
C ARG B 190 -18.95 -19.10 11.87
N THR B 191 -19.22 -17.98 12.53
CA THR B 191 -20.51 -17.72 13.17
C THR B 191 -21.67 -17.71 12.18
N GLU B 192 -21.57 -16.86 11.16
CA GLU B 192 -22.66 -16.72 10.20
C GLU B 192 -22.91 -18.01 9.45
N GLU B 193 -21.84 -18.76 9.17
CA GLU B 193 -21.97 -20.08 8.55
C GLU B 193 -22.61 -21.05 9.53
N GLU B 194 -22.16 -21.01 10.77
CA GLU B 194 -22.76 -21.82 11.83
C GLU B 194 -24.26 -21.55 11.88
N ASN B 195 -24.62 -20.27 11.92
CA ASN B 195 -26.02 -19.89 11.91
C ASN B 195 -26.74 -20.55 10.74
N LEU B 196 -26.23 -20.31 9.54
CA LEU B 196 -26.85 -20.82 8.32
C LEU B 196 -27.17 -22.32 8.43
N ARG B 197 -26.28 -23.07 9.08
CA ARG B 197 -26.57 -24.46 9.42
C ARG B 197 -27.67 -24.57 10.48
ZN ZN C . 14.42 14.07 16.64
N X0W D . -6.32 -12.10 -21.32
C1 X0W D . -7.87 -11.78 -19.58
O1 X0W D . -9.57 -8.98 -18.02
C2 X0W D . -8.69 -10.99 -18.75
O2 X0W D . -8.03 -7.63 -20.09
C3 X0W D . -8.73 -9.59 -18.93
C4 X0W D . -9.97 -9.72 -16.87
C5 X0W D . -7.95 -9.00 -19.93
C6 X0W D . -7.42 -7.06 -21.24
C7 X0W D . -7.13 -9.80 -20.74
C8 X0W D . -7.08 -11.21 -20.57
C9 X0W D . -6.51 -13.33 -20.90
C10 X0W D . -5.83 -14.52 -21.47
S X0W D . -7.62 -13.50 -19.60
ZN ZN E . -16.51 4.62 9.19
#